data_6PYI
#
_entry.id   6PYI
#
_cell.length_a   66.060
_cell.length_b   75.500
_cell.length_c   113.730
_cell.angle_alpha   90.000
_cell.angle_beta   90.000
_cell.angle_gamma   90.000
#
_symmetry.space_group_name_H-M   'I 21 21 21'
#
loop_
_entity.id
_entity.type
_entity.pdbx_description
1 polymer 'Putative methyl-accepting chemotaxis protein'
2 non-polymer ALANINE
3 water water
#
_entity_poly.entity_id   1
_entity_poly.type   'polypeptide(L)'
_entity_poly.pdbx_seq_one_letter_code
;GIDPFTQRNAIREDLDNYLNEMGEVTADNIQTWLSGRILLIENAAQNIAINPEPAAVASLLEQKALTSTFMASYLGDATG
HFTIRPDAKMPDGFDPRVRPWYKGAESSSTSTLTEPYIDAATGQTIISIATAAKKAGQSVGVVGGDLSLQTLINTLSARD
FSGMGYAFLVSADGKILVHPDKALVMKSLKEAYPQDTPRISSDFSEVTVDGKTRIVNFTPIKGLPSVNWYIGLSVDKDKA
FSMLSEFRTS
;
_entity_poly.pdbx_strand_id   A
#
# COMPACT_ATOMS: atom_id res chain seq x y z
N ILE A 11 27.66 22.50 3.53
CA ILE A 11 26.22 22.67 3.69
C ILE A 11 25.48 21.74 2.74
N ARG A 12 26.22 20.99 1.93
CA ARG A 12 25.63 20.03 1.00
C ARG A 12 25.65 18.61 1.53
N GLU A 13 26.67 18.25 2.31
CA GLU A 13 26.69 16.94 2.94
C GLU A 13 25.88 16.92 4.24
N ASP A 14 25.38 18.07 4.69
CA ASP A 14 24.43 18.11 5.79
C ASP A 14 22.99 18.02 5.31
N LEU A 15 22.68 18.57 4.13
CA LEU A 15 21.41 18.27 3.51
C LEU A 15 21.32 16.80 3.13
N ASP A 16 22.38 16.28 2.47
CA ASP A 16 22.42 14.87 2.11
C ASP A 16 22.17 13.98 3.33
N ASN A 17 22.91 14.22 4.41
CA ASN A 17 22.74 13.39 5.60
C ASN A 17 21.35 13.57 6.20
N TYR A 18 20.84 14.79 6.21
CA TYR A 18 19.48 15.01 6.69
C TYR A 18 18.47 14.17 5.91
N LEU A 19 18.54 14.24 4.58
CA LEU A 19 17.55 13.59 3.73
C LEU A 19 17.66 12.07 3.82
N ASN A 20 18.88 11.54 3.85
CA ASN A 20 19.04 10.09 3.95
C ASN A 20 18.48 9.57 5.27
N GLU A 21 18.63 10.34 6.35
CA GLU A 21 18.17 9.91 7.65
C GLU A 21 16.65 10.01 7.77
N MET A 22 16.06 11.09 7.24
CA MET A 22 14.61 11.23 7.28
C MET A 22 13.94 10.21 6.35
N GLY A 23 14.59 9.86 5.25
CA GLY A 23 14.09 8.77 4.42
C GLY A 23 14.04 7.47 5.18
N GLU A 24 15.12 7.15 5.91
CA GLU A 24 15.16 5.91 6.66
C GLU A 24 14.12 5.90 7.77
N VAL A 25 13.93 7.02 8.44
CA VAL A 25 12.92 7.10 9.49
C VAL A 25 11.53 6.97 8.88
N THR A 26 11.27 7.68 7.77
CA THR A 26 9.97 7.57 7.12
C THR A 26 9.70 6.13 6.67
N ALA A 27 10.65 5.51 5.96
CA ALA A 27 10.50 4.12 5.56
C ALA A 27 10.19 3.21 6.73
N ASP A 28 10.92 3.38 7.84
CA ASP A 28 10.70 2.50 8.98
C ASP A 28 9.33 2.71 9.59
N ASN A 29 8.84 3.95 9.62
CA ASN A 29 7.50 4.21 10.14
C ASN A 29 6.46 3.48 9.29
N ILE A 30 6.59 3.57 7.96
CA ILE A 30 5.60 2.93 7.08
C ILE A 30 5.65 1.42 7.23
N GLN A 31 6.86 0.87 7.30
CA GLN A 31 6.99 -0.57 7.50
C GLN A 31 6.30 -1.04 8.76
N THR A 32 6.56 -0.38 9.91
CA THR A 32 5.89 -0.81 11.14
C THR A 32 4.39 -0.53 11.08
N TRP A 33 3.96 0.55 10.42
CA TRP A 33 2.52 0.79 10.28
C TRP A 33 1.87 -0.34 9.47
N LEU A 34 2.49 -0.75 8.37
CA LEU A 34 1.88 -1.82 7.56
C LEU A 34 2.00 -3.19 8.20
N SER A 35 3.12 -3.46 8.91
CA SER A 35 3.37 -4.79 9.44
C SER A 35 2.29 -5.27 10.39
N GLY A 36 1.88 -4.42 11.33
CA GLY A 36 0.79 -4.81 12.22
C GLY A 36 -0.49 -5.11 11.46
N ARG A 37 -0.75 -4.36 10.38
CA ARG A 37 -1.97 -4.63 9.61
C ARG A 37 -1.84 -5.93 8.82
N ILE A 38 -0.69 -6.18 8.23
CA ILE A 38 -0.46 -7.44 7.56
C ILE A 38 -0.67 -8.61 8.52
N LEU A 39 -0.19 -8.48 9.77
CA LEU A 39 -0.33 -9.57 10.74
C LEU A 39 -1.78 -9.85 11.08
N LEU A 40 -2.62 -8.82 11.14
CA LEU A 40 -4.04 -9.07 11.41
C LEU A 40 -4.72 -9.81 10.25
N ILE A 41 -4.34 -9.51 9.02
CA ILE A 41 -4.95 -10.22 7.89
C ILE A 41 -4.42 -11.65 7.84
N GLU A 42 -3.13 -11.85 8.13
CA GLU A 42 -2.62 -13.21 8.21
C GLU A 42 -3.31 -13.99 9.31
N ASN A 43 -3.50 -13.35 10.46
CA ASN A 43 -4.22 -14.01 11.54
C ASN A 43 -5.66 -14.32 11.11
N ALA A 44 -6.29 -13.42 10.34
CA ALA A 44 -7.64 -13.70 9.87
C ALA A 44 -7.66 -14.90 8.91
N ALA A 45 -6.66 -14.95 8.03
CA ALA A 45 -6.61 -16.06 7.09
C ALA A 45 -6.35 -17.37 7.83
N GLN A 46 -5.46 -17.35 8.83
CA GLN A 46 -5.24 -18.54 9.66
C GLN A 46 -6.52 -18.98 10.37
N ASN A 47 -7.28 -18.05 10.91
CA ASN A 47 -8.48 -18.43 11.63
C ASN A 47 -9.55 -18.94 10.68
N ILE A 48 -9.68 -18.29 9.50
CA ILE A 48 -10.61 -18.77 8.49
C ILE A 48 -10.27 -20.18 8.04
N ALA A 49 -8.98 -20.48 7.86
CA ALA A 49 -8.59 -21.83 7.48
C ALA A 49 -8.93 -22.88 8.54
N ILE A 50 -9.08 -22.50 9.80
CA ILE A 50 -9.55 -23.46 10.81
C ILE A 50 -10.94 -23.95 10.44
N ASN A 51 -11.81 -23.03 10.05
CA ASN A 51 -13.24 -23.32 9.87
C ASN A 51 -13.79 -22.40 8.81
N PRO A 52 -13.67 -22.75 7.53
CA PRO A 52 -14.13 -21.88 6.45
C PRO A 52 -15.63 -21.91 6.19
N GLU A 53 -16.45 -22.48 7.07
CA GLU A 53 -17.90 -22.38 6.91
C GLU A 53 -18.31 -20.92 6.84
N PRO A 54 -19.31 -20.57 6.03
CA PRO A 54 -19.61 -19.13 5.81
C PRO A 54 -20.11 -18.39 7.04
N ALA A 55 -20.82 -19.04 7.96
CA ALA A 55 -21.23 -18.33 9.18
C ALA A 55 -20.03 -18.04 10.08
N ALA A 56 -19.06 -18.96 10.11
CA ALA A 56 -17.85 -18.75 10.89
C ALA A 56 -17.00 -17.64 10.29
N VAL A 57 -16.88 -17.63 8.97
CA VAL A 57 -16.13 -16.58 8.31
C VAL A 57 -16.74 -15.22 8.63
N ALA A 58 -18.07 -15.10 8.46
CA ALA A 58 -18.73 -13.85 8.74
C ALA A 58 -18.44 -13.35 10.15
N SER A 59 -18.53 -14.26 11.12
CA SER A 59 -18.25 -13.96 12.52
C SER A 59 -16.87 -13.36 12.67
N LEU A 60 -15.85 -14.04 12.11
CA LEU A 60 -14.48 -13.56 12.24
C LEU A 60 -14.32 -12.17 11.65
N LEU A 61 -14.86 -11.93 10.45
CA LEU A 61 -14.59 -10.65 9.78
C LEU A 61 -15.31 -9.49 10.43
N GLU A 62 -16.40 -9.76 11.15
CA GLU A 62 -17.17 -8.74 11.86
C GLU A 62 -16.49 -8.24 13.14
N GLN A 63 -15.38 -8.86 13.55
CA GLN A 63 -14.82 -8.51 14.86
C GLN A 63 -14.15 -7.14 14.81
N LYS A 64 -14.20 -6.45 15.95
CA LYS A 64 -13.86 -5.03 16.01
C LYS A 64 -12.40 -4.77 15.67
N ALA A 65 -11.49 -5.68 15.99
CA ALA A 65 -10.09 -5.46 15.63
C ALA A 65 -9.95 -5.28 14.11
N LEU A 66 -10.75 -6.03 13.34
CA LEU A 66 -10.67 -5.89 11.88
C LEU A 66 -11.48 -4.69 11.39
N THR A 67 -12.73 -4.56 11.83
CA THR A 67 -13.53 -3.46 11.31
C THR A 67 -13.00 -2.08 11.73
N SER A 68 -12.28 -1.97 12.87
CA SER A 68 -11.69 -0.67 13.22
C SER A 68 -10.39 -0.40 12.49
N THR A 69 -9.75 -1.42 11.95
CA THR A 69 -8.46 -1.25 11.28
C THR A 69 -8.59 -1.06 9.77
N PHE A 70 -9.54 -1.76 9.15
CA PHE A 70 -9.71 -1.75 7.70
C PHE A 70 -11.06 -1.16 7.31
N MET A 71 -11.14 -0.57 6.09
CA MET A 71 -12.44 -0.18 5.54
C MET A 71 -13.38 -1.36 5.52
N ALA A 72 -12.88 -2.54 5.17
CA ALA A 72 -13.67 -3.75 5.16
C ALA A 72 -12.67 -4.88 5.03
N SER A 73 -13.08 -6.07 5.40
CA SER A 73 -12.26 -7.23 5.17
C SER A 73 -13.19 -8.29 4.62
N TYR A 74 -12.62 -9.24 3.91
CA TYR A 74 -13.48 -10.09 3.12
C TYR A 74 -12.77 -11.38 2.78
N LEU A 75 -13.55 -12.36 2.36
CA LEU A 75 -13.04 -13.64 1.88
C LEU A 75 -13.70 -13.90 0.54
N GLY A 76 -12.91 -14.26 -0.47
CA GLY A 76 -13.44 -14.71 -1.74
C GLY A 76 -12.78 -16.05 -2.02
N ASP A 77 -13.50 -16.94 -2.70
CA ASP A 77 -12.92 -18.26 -2.95
C ASP A 77 -13.11 -18.64 -4.43
N ALA A 78 -12.62 -19.84 -4.75
CA ALA A 78 -12.51 -20.28 -6.12
C ALA A 78 -13.87 -20.56 -6.77
N THR A 79 -14.93 -20.71 -5.99
CA THR A 79 -16.27 -20.80 -6.56
C THR A 79 -16.86 -19.43 -6.85
N GLY A 80 -16.15 -18.35 -6.54
CA GLY A 80 -16.74 -17.03 -6.63
C GLY A 80 -17.52 -16.58 -5.42
N HIS A 81 -17.67 -17.40 -4.40
CA HIS A 81 -18.34 -16.96 -3.19
C HIS A 81 -17.58 -15.81 -2.55
N PHE A 82 -18.31 -14.84 -1.99
CA PHE A 82 -17.72 -13.63 -1.43
C PHE A 82 -18.42 -13.29 -0.12
N THR A 83 -17.63 -13.06 0.94
CA THR A 83 -18.17 -12.53 2.18
C THR A 83 -17.39 -11.28 2.52
N ILE A 84 -18.09 -10.16 2.74
CA ILE A 84 -17.43 -8.92 3.12
C ILE A 84 -18.09 -8.36 4.39
N ARG A 85 -17.26 -7.84 5.30
CA ARG A 85 -17.74 -7.17 6.51
C ARG A 85 -16.93 -5.89 6.70
N PRO A 86 -17.58 -4.73 6.91
CA PRO A 86 -19.04 -4.55 6.96
C PRO A 86 -19.69 -4.94 5.65
N ASP A 87 -20.86 -5.56 5.70
CA ASP A 87 -21.50 -5.97 4.46
C ASP A 87 -21.81 -4.75 3.61
N ALA A 88 -21.83 -4.97 2.29
CA ALA A 88 -21.97 -3.89 1.32
C ALA A 88 -22.48 -4.51 0.02
N LYS A 89 -23.46 -3.87 -0.59
CA LYS A 89 -23.95 -4.36 -1.88
C LYS A 89 -22.85 -4.21 -2.92
N MET A 90 -22.43 -5.30 -3.51
CA MET A 90 -21.40 -5.27 -4.55
C MET A 90 -22.03 -4.97 -5.91
N PRO A 91 -21.25 -4.50 -6.90
CA PRO A 91 -21.83 -4.27 -8.24
C PRO A 91 -22.35 -5.56 -8.83
N ASP A 92 -23.37 -5.41 -9.69
CA ASP A 92 -23.90 -6.57 -10.37
C ASP A 92 -22.79 -7.28 -11.11
N GLY A 93 -22.71 -8.58 -10.94
CA GLY A 93 -21.66 -9.30 -11.64
C GLY A 93 -20.35 -9.40 -10.89
N PHE A 94 -20.24 -8.75 -9.73
CA PHE A 94 -18.97 -8.79 -9.00
C PHE A 94 -18.46 -10.21 -8.82
N ASP A 95 -17.20 -10.41 -9.12
CA ASP A 95 -16.58 -11.73 -8.99
C ASP A 95 -15.23 -11.49 -8.33
N PRO A 96 -15.02 -11.97 -7.11
CA PRO A 96 -13.75 -11.68 -6.43
C PRO A 96 -12.57 -12.26 -7.14
N ARG A 97 -12.76 -13.34 -7.88
CA ARG A 97 -11.64 -14.04 -8.50
C ARG A 97 -10.94 -13.21 -9.56
N VAL A 98 -11.57 -12.16 -10.08
CA VAL A 98 -10.92 -11.33 -11.09
C VAL A 98 -10.38 -10.03 -10.50
N ARG A 99 -10.47 -9.84 -9.19
CA ARG A 99 -10.02 -8.59 -8.62
C ARG A 99 -8.51 -8.63 -8.36
N PRO A 100 -7.85 -7.47 -8.30
CA PRO A 100 -6.40 -7.46 -8.07
C PRO A 100 -5.95 -8.06 -6.74
N TRP A 101 -6.66 -7.84 -5.65
CA TRP A 101 -6.21 -8.45 -4.41
C TRP A 101 -6.20 -9.96 -4.56
N TYR A 102 -7.19 -10.51 -5.24
CA TYR A 102 -7.31 -11.95 -5.29
C TYR A 102 -6.22 -12.56 -6.16
N LYS A 103 -6.07 -12.05 -7.39
CA LYS A 103 -5.03 -12.58 -8.27
C LYS A 103 -3.65 -12.42 -7.66
N GLY A 104 -3.35 -11.26 -7.10
CA GLY A 104 -2.08 -11.12 -6.42
C GLY A 104 -1.84 -12.20 -5.37
N ALA A 105 -2.83 -12.47 -4.53
CA ALA A 105 -2.59 -13.34 -3.39
C ALA A 105 -2.60 -14.81 -3.79
N GLU A 106 -3.56 -15.22 -4.65
CA GLU A 106 -3.61 -16.63 -5.03
C GLU A 106 -2.32 -17.05 -5.71
N SER A 107 -1.57 -16.09 -6.26
CA SER A 107 -0.29 -16.32 -6.92
C SER A 107 0.88 -15.91 -6.03
N SER A 108 0.80 -16.13 -4.72
CA SER A 108 1.90 -15.76 -3.85
C SER A 108 2.02 -16.78 -2.74
N SER A 109 3.27 -17.07 -2.36
CA SER A 109 3.50 -17.91 -1.21
C SER A 109 3.44 -17.13 0.10
N THR A 110 3.43 -15.81 0.03
CA THR A 110 3.34 -14.94 1.20
C THR A 110 2.10 -14.05 1.07
N SER A 111 1.89 -13.21 2.10
CA SER A 111 0.87 -12.17 1.97
CA SER A 111 0.88 -12.16 1.98
C SER A 111 1.28 -11.16 0.90
N THR A 112 0.34 -10.32 0.50
CA THR A 112 0.63 -9.34 -0.53
C THR A 112 -0.01 -8.01 -0.18
N LEU A 113 0.47 -6.98 -0.87
CA LEU A 113 -0.08 -5.64 -0.83
C LEU A 113 -0.38 -5.26 -2.27
N THR A 114 -1.58 -4.75 -2.55
CA THR A 114 -1.83 -4.31 -3.93
C THR A 114 -1.30 -2.89 -4.14
N GLU A 115 -1.12 -2.54 -5.41
CA GLU A 115 -1.01 -1.13 -5.74
C GLU A 115 -2.40 -0.53 -5.63
N PRO A 116 -2.51 0.81 -5.69
CA PRO A 116 -3.83 1.43 -5.65
C PRO A 116 -4.71 0.93 -6.77
N TYR A 117 -5.99 0.78 -6.48
CA TYR A 117 -6.97 0.34 -7.48
C TYR A 117 -8.31 0.87 -7.04
N ILE A 118 -9.32 0.77 -7.92
CA ILE A 118 -10.63 1.34 -7.64
C ILE A 118 -11.44 0.31 -6.87
N ASP A 119 -11.86 0.67 -5.66
CA ASP A 119 -12.63 -0.24 -4.83
C ASP A 119 -13.99 -0.52 -5.48
N ALA A 120 -14.33 -1.79 -5.63
CA ALA A 120 -15.66 -2.10 -6.12
C ALA A 120 -16.72 -1.76 -5.07
N ALA A 121 -16.35 -1.75 -3.78
CA ALA A 121 -17.38 -1.46 -2.77
C ALA A 121 -17.72 0.02 -2.75
N THR A 122 -16.73 0.89 -2.66
CA THR A 122 -16.97 2.31 -2.48
C THR A 122 -16.70 3.17 -3.71
N GLY A 123 -15.99 2.65 -4.72
CA GLY A 123 -15.64 3.45 -5.88
C GLY A 123 -14.43 4.37 -5.69
N GLN A 124 -13.85 4.42 -4.50
CA GLN A 124 -12.68 5.25 -4.24
C GLN A 124 -11.39 4.43 -4.39
N THR A 125 -10.28 5.13 -4.51
CA THR A 125 -9.01 4.47 -4.73
C THR A 125 -8.45 3.97 -3.38
N ILE A 126 -8.04 2.71 -3.33
CA ILE A 126 -7.65 2.04 -2.10
C ILE A 126 -6.43 1.18 -2.40
N ILE A 127 -5.82 0.62 -1.34
CA ILE A 127 -4.98 -0.57 -1.50
C ILE A 127 -5.54 -1.64 -0.59
N SER A 128 -5.14 -2.87 -0.86
CA SER A 128 -5.57 -4.00 -0.07
C SER A 128 -4.35 -4.80 0.38
N ILE A 129 -4.46 -5.37 1.56
CA ILE A 129 -3.56 -6.40 2.03
C ILE A 129 -4.29 -7.72 1.84
N ALA A 130 -3.64 -8.72 1.27
CA ALA A 130 -4.43 -9.92 0.97
C ALA A 130 -3.55 -11.15 1.16
N THR A 131 -4.15 -12.23 1.60
CA THR A 131 -3.34 -13.45 1.70
C THR A 131 -4.24 -14.65 1.48
N ALA A 132 -3.66 -15.69 0.91
CA ALA A 132 -4.40 -16.93 0.72
C ALA A 132 -4.54 -17.64 2.05
N ALA A 133 -5.75 -18.11 2.34
CA ALA A 133 -6.01 -18.94 3.52
C ALA A 133 -5.82 -20.41 3.15
N LYS A 134 -4.86 -21.06 3.79
CA LYS A 134 -4.48 -22.42 3.45
C LYS A 134 -4.74 -23.32 4.65
N LYS A 135 -5.44 -24.43 4.40
CA LYS A 135 -5.80 -25.44 5.39
C LYS A 135 -5.04 -26.70 5.01
N ALA A 136 -3.97 -26.99 5.73
CA ALA A 136 -3.09 -28.10 5.36
C ALA A 136 -2.67 -27.94 3.90
N GLY A 137 -2.02 -26.82 3.62
CA GLY A 137 -1.51 -26.53 2.29
C GLY A 137 -2.54 -26.27 1.21
N GLN A 138 -3.78 -26.74 1.40
CA GLN A 138 -4.85 -26.52 0.41
C GLN A 138 -5.55 -25.19 0.67
N SER A 139 -5.67 -24.38 -0.38
CA SER A 139 -6.23 -23.04 -0.22
C SER A 139 -7.75 -23.10 -0.10
N VAL A 140 -8.31 -22.32 0.81
CA VAL A 140 -9.76 -22.17 0.97
C VAL A 140 -10.23 -20.79 0.53
N GLY A 141 -9.34 -19.99 -0.03
CA GLY A 141 -9.73 -18.71 -0.58
C GLY A 141 -8.67 -17.68 -0.27
N VAL A 142 -9.03 -16.42 -0.49
CA VAL A 142 -8.14 -15.28 -0.26
C VAL A 142 -8.85 -14.32 0.66
N VAL A 143 -8.17 -13.93 1.75
CA VAL A 143 -8.67 -12.94 2.68
C VAL A 143 -8.01 -11.61 2.35
N GLY A 144 -8.78 -10.54 2.35
CA GLY A 144 -8.20 -9.23 2.12
C GLY A 144 -8.82 -8.23 3.05
N GLY A 145 -8.10 -7.13 3.25
CA GLY A 145 -8.62 -5.97 3.94
C GLY A 145 -8.17 -4.71 3.23
N ASP A 146 -9.03 -3.69 3.25
CA ASP A 146 -8.84 -2.49 2.45
C ASP A 146 -8.38 -1.32 3.30
N LEU A 147 -7.53 -0.47 2.71
CA LEU A 147 -7.06 0.76 3.33
C LEU A 147 -7.19 1.87 2.29
N SER A 148 -7.81 2.99 2.67
CA SER A 148 -8.08 4.05 1.68
C SER A 148 -6.80 4.75 1.29
N LEU A 149 -6.80 5.29 0.07
CA LEU A 149 -5.68 6.11 -0.37
C LEU A 149 -5.43 7.24 0.62
N GLN A 150 -6.50 7.90 1.10
CA GLN A 150 -6.30 9.04 2.00
C GLN A 150 -5.62 8.62 3.28
N THR A 151 -6.04 7.48 3.85
CA THR A 151 -5.37 6.93 5.03
C THR A 151 -3.87 6.80 4.80
N LEU A 152 -3.46 6.36 3.61
CA LEU A 152 -2.03 6.24 3.31
C LEU A 152 -1.38 7.61 3.17
N ILE A 153 -2.03 8.52 2.44
CA ILE A 153 -1.54 9.91 2.37
C ILE A 153 -1.35 10.45 3.79
N ASN A 154 -2.33 10.25 4.66
CA ASN A 154 -2.24 10.75 6.04
C ASN A 154 -1.07 10.13 6.78
N THR A 155 -0.83 8.84 6.61
CA THR A 155 0.30 8.22 7.29
C THR A 155 1.64 8.75 6.78
N LEU A 156 1.75 9.02 5.48
CA LEU A 156 3.00 9.54 4.92
C LEU A 156 3.26 11.00 5.29
N SER A 157 2.26 11.71 5.85
CA SER A 157 2.40 13.13 6.17
C SER A 157 2.36 13.42 7.66
N ALA A 158 2.50 12.40 8.50
CA ALA A 158 2.52 12.59 9.95
C ALA A 158 3.96 12.86 10.43
N GLY A 163 7.96 20.83 7.13
CA GLY A 163 8.86 21.95 6.93
C GLY A 163 9.39 22.11 5.51
N MET A 164 10.46 21.36 5.20
CA MET A 164 11.17 21.59 3.94
C MET A 164 10.51 20.88 2.75
N GLY A 165 9.73 19.83 3.00
CA GLY A 165 9.14 19.08 1.91
C GLY A 165 8.15 18.00 2.34
N TYR A 166 8.08 16.92 1.58
CA TYR A 166 7.07 15.90 1.79
C TYR A 166 7.61 14.56 1.35
N ALA A 167 6.97 13.49 1.85
CA ALA A 167 7.25 12.12 1.46
C ALA A 167 6.15 11.59 0.54
N PHE A 168 6.55 10.71 -0.38
CA PHE A 168 5.62 9.99 -1.23
C PHE A 168 6.08 8.54 -1.31
N LEU A 169 5.18 7.68 -1.76
CA LEU A 169 5.40 6.25 -1.91
C LEU A 169 5.49 5.91 -3.41
N VAL A 170 6.52 5.16 -3.79
CA VAL A 170 6.75 4.87 -5.19
C VAL A 170 7.20 3.42 -5.26
N SER A 171 6.80 2.71 -6.33
CA SER A 171 7.22 1.32 -6.46
C SER A 171 8.62 1.29 -7.05
N ALA A 172 9.26 0.12 -6.99
CA ALA A 172 10.60 0.00 -7.56
C ALA A 172 10.58 -0.03 -9.09
N ASP A 173 9.40 -0.13 -9.72
CA ASP A 173 9.30 0.18 -11.14
C ASP A 173 9.18 1.67 -11.40
N GLY A 174 9.21 2.49 -10.36
CA GLY A 174 9.11 3.94 -10.56
C GLY A 174 7.69 4.43 -10.76
N LYS A 175 6.69 3.68 -10.29
CA LYS A 175 5.33 4.16 -10.36
C LYS A 175 4.97 4.84 -9.06
N ILE A 176 4.49 6.08 -9.12
CA ILE A 176 4.09 6.77 -7.90
C ILE A 176 2.79 6.17 -7.41
N LEU A 177 2.81 5.63 -6.18
CA LEU A 177 1.64 4.94 -5.65
C LEU A 177 0.85 5.82 -4.71
N VAL A 178 1.52 6.61 -3.87
CA VAL A 178 0.83 7.46 -2.91
C VAL A 178 1.57 8.79 -2.93
N HIS A 179 0.84 9.88 -3.15
CA HIS A 179 1.45 11.19 -3.28
C HIS A 179 0.47 12.19 -2.73
N PRO A 180 0.96 13.23 -2.05
CA PRO A 180 0.03 14.26 -1.57
C PRO A 180 -0.66 14.98 -2.70
N ASP A 181 -0.03 15.08 -3.87
CA ASP A 181 -0.70 15.56 -5.08
C ASP A 181 -1.39 14.35 -5.70
N LYS A 182 -2.71 14.23 -5.44
CA LYS A 182 -3.42 13.03 -5.86
C LYS A 182 -3.42 12.86 -7.37
N ALA A 183 -3.20 13.96 -8.11
CA ALA A 183 -3.05 13.90 -9.56
C ALA A 183 -1.85 13.07 -9.99
N LEU A 184 -0.88 12.88 -9.11
CA LEU A 184 0.30 12.11 -9.46
C LEU A 184 0.19 10.63 -9.10
N VAL A 185 -0.85 10.24 -8.37
CA VAL A 185 -1.08 8.83 -8.01
C VAL A 185 -1.13 7.96 -9.26
N MET A 186 -0.34 6.89 -9.25
CA MET A 186 -0.24 5.90 -10.32
C MET A 186 0.30 6.49 -11.62
N LYS A 187 1.01 7.60 -11.54
CA LYS A 187 1.81 8.09 -12.65
C LYS A 187 3.25 7.61 -12.48
N SER A 188 3.90 7.26 -13.59
CA SER A 188 5.32 6.97 -13.46
C SER A 188 6.10 8.25 -13.12
N LEU A 189 7.31 8.07 -12.56
CA LEU A 189 8.17 9.22 -12.31
C LEU A 189 8.36 10.06 -13.57
N LYS A 190 8.60 9.39 -14.71
CA LYS A 190 8.81 10.12 -15.97
C LYS A 190 7.59 10.93 -16.39
N GLU A 191 6.38 10.36 -16.20
CA GLU A 191 5.16 11.09 -16.51
C GLU A 191 4.96 12.27 -15.56
N ALA A 192 5.30 12.07 -14.30
CA ALA A 192 5.02 13.08 -13.29
C ALA A 192 6.06 14.19 -13.32
N TYR A 193 7.29 13.86 -13.70
CA TYR A 193 8.40 14.82 -13.77
C TYR A 193 9.06 14.66 -15.13
N PRO A 194 8.39 15.14 -16.19
CA PRO A 194 8.91 14.86 -17.55
C PRO A 194 10.25 15.51 -17.82
N GLN A 195 10.50 16.68 -17.24
CA GLN A 195 11.81 17.31 -17.32
C GLN A 195 12.60 16.93 -16.07
N ASP A 196 13.80 16.39 -16.26
CA ASP A 196 14.72 16.07 -15.17
C ASP A 196 14.12 15.00 -14.25
N THR A 197 13.94 13.81 -14.77
CA THR A 197 13.16 12.81 -14.06
C THR A 197 13.98 12.25 -12.89
N PRO A 198 13.52 12.39 -11.65
CA PRO A 198 14.20 11.72 -10.54
C PRO A 198 14.46 10.25 -10.86
N ARG A 199 15.65 9.79 -10.52
CA ARG A 199 16.06 8.42 -10.77
C ARG A 199 16.20 7.69 -9.43
N ILE A 200 15.53 6.55 -9.28
CA ILE A 200 15.72 5.74 -8.08
C ILE A 200 17.14 5.18 -8.05
N SER A 201 17.79 5.08 -9.21
CA SER A 201 19.15 4.54 -9.30
C SER A 201 20.22 5.48 -8.77
N SER A 202 19.90 6.76 -8.54
CA SER A 202 20.85 7.72 -8.03
C SER A 202 20.51 8.13 -6.59
N ASP A 203 21.53 8.49 -5.83
CA ASP A 203 21.27 8.81 -4.42
C ASP A 203 20.50 10.11 -4.29
N PHE A 204 20.67 11.04 -5.22
CA PHE A 204 19.89 12.28 -5.19
C PHE A 204 19.57 12.71 -6.60
N SER A 205 18.52 13.54 -6.69
CA SER A 205 18.01 14.06 -7.95
C SER A 205 17.52 15.48 -7.69
N GLU A 206 17.89 16.42 -8.55
CA GLU A 206 17.34 17.77 -8.47
C GLU A 206 16.34 17.97 -9.61
N VAL A 207 15.23 18.63 -9.31
CA VAL A 207 14.15 18.80 -10.29
C VAL A 207 13.45 20.11 -10.02
N THR A 208 13.03 20.80 -11.09
CA THR A 208 12.31 22.06 -10.96
C THR A 208 10.81 21.79 -11.02
N VAL A 209 10.09 22.18 -9.97
CA VAL A 209 8.64 21.96 -9.86
C VAL A 209 8.01 23.23 -9.28
N ASP A 210 6.88 23.65 -9.87
CA ASP A 210 6.18 24.86 -9.46
C ASP A 210 7.10 26.09 -9.49
N GLY A 211 8.10 26.08 -10.37
CA GLY A 211 9.08 27.15 -10.46
C GLY A 211 10.27 27.02 -9.53
N LYS A 212 10.17 26.22 -8.47
CA LYS A 212 11.22 26.08 -7.48
C LYS A 212 12.08 24.85 -7.78
N THR A 213 13.26 24.81 -7.16
CA THR A 213 14.15 23.66 -7.27
C THR A 213 13.94 22.72 -6.08
N ARG A 214 13.97 21.42 -6.36
CA ARG A 214 13.73 20.41 -5.35
C ARG A 214 14.78 19.31 -5.47
N ILE A 215 15.11 18.71 -4.33
CA ILE A 215 16.01 17.57 -4.30
C ILE A 215 15.23 16.37 -3.79
N VAL A 216 15.46 15.21 -4.43
CA VAL A 216 14.63 14.02 -4.26
C VAL A 216 15.49 12.84 -3.87
N ASN A 217 15.04 12.10 -2.84
CA ASN A 217 15.68 10.96 -2.23
C ASN A 217 14.73 9.76 -2.35
N PHE A 218 15.27 8.54 -2.51
CA PHE A 218 14.50 7.31 -2.40
C PHE A 218 15.11 6.34 -1.38
N THR A 219 14.25 5.77 -0.53
CA THR A 219 14.67 4.85 0.53
C THR A 219 13.81 3.59 0.49
N PRO A 220 14.41 2.41 0.35
CA PRO A 220 13.60 1.19 0.28
C PRO A 220 12.88 0.91 1.60
N ILE A 221 11.64 0.44 1.50
CA ILE A 221 10.88 0.02 2.67
C ILE A 221 11.14 -1.45 2.90
N LYS A 222 11.80 -1.76 4.01
CA LYS A 222 12.17 -3.15 4.27
C LYS A 222 11.00 -3.94 4.82
N GLY A 223 11.08 -5.25 4.66
CA GLY A 223 10.22 -6.13 5.43
C GLY A 223 8.77 -6.12 4.99
N LEU A 224 8.51 -5.77 3.73
CA LEU A 224 7.13 -5.89 3.28
C LEU A 224 7.01 -7.13 2.42
N PRO A 225 5.98 -7.94 2.62
CA PRO A 225 5.83 -9.15 1.79
C PRO A 225 5.36 -8.81 0.36
N SER A 226 6.01 -9.44 -0.61
CA SER A 226 5.63 -9.50 -2.02
C SER A 226 5.88 -8.20 -2.80
N VAL A 227 6.13 -7.07 -2.15
CA VAL A 227 6.32 -5.83 -2.90
C VAL A 227 7.69 -5.26 -2.57
N ASN A 228 8.16 -4.41 -3.48
CA ASN A 228 9.45 -3.75 -3.36
C ASN A 228 9.14 -2.28 -3.62
N TRP A 229 8.92 -1.54 -2.54
CA TRP A 229 8.48 -0.15 -2.59
C TRP A 229 9.48 0.75 -1.87
N TYR A 230 9.46 2.04 -2.21
CA TYR A 230 10.39 3.05 -1.74
C TYR A 230 9.63 4.23 -1.18
N ILE A 231 10.23 4.90 -0.21
CA ILE A 231 9.79 6.24 0.18
C ILE A 231 10.58 7.24 -0.63
N GLY A 232 9.88 8.15 -1.29
CA GLY A 232 10.50 9.30 -1.91
C GLY A 232 10.41 10.51 -0.96
N LEU A 233 11.50 11.25 -0.89
CA LEU A 233 11.49 12.54 -0.20
C LEU A 233 11.81 13.62 -1.23
N SER A 234 10.99 14.65 -1.27
CA SER A 234 11.18 15.78 -2.16
C SER A 234 11.20 17.02 -1.29
N VAL A 235 12.30 17.77 -1.32
CA VAL A 235 12.36 18.98 -0.52
C VAL A 235 12.86 20.15 -1.38
N ASP A 236 12.37 21.34 -1.05
CA ASP A 236 12.84 22.56 -1.69
C ASP A 236 14.32 22.77 -1.36
N LYS A 237 15.13 22.93 -2.40
CA LYS A 237 16.56 23.13 -2.19
C LYS A 237 16.84 24.38 -1.37
N ASP A 238 16.23 25.50 -1.76
CA ASP A 238 16.52 26.78 -1.12
C ASP A 238 16.17 26.75 0.36
N LYS A 239 14.89 26.50 0.67
CA LYS A 239 14.47 26.47 2.07
C LYS A 239 15.27 25.45 2.87
N ALA A 240 15.76 24.40 2.23
CA ALA A 240 16.55 23.41 2.94
C ALA A 240 18.02 23.77 3.00
N PHE A 241 18.60 24.23 1.89
CA PHE A 241 20.00 24.65 1.92
C PHE A 241 20.22 25.74 2.96
N SER A 242 19.22 26.60 3.17
CA SER A 242 19.32 27.62 4.22
C SER A 242 19.18 26.97 5.60
N ALA B . -11.79 -3.94 -2.16
CA ALA B . -12.34 -5.18 -2.76
C ALA B . -12.57 -5.04 -4.27
O ALA B . -12.55 -6.02 -5.01
CB ALA B . -13.64 -5.61 -2.03
OXT ALA B . -12.74 -3.98 -4.86
#